data_7W96
#
_entry.id   7W96
#
_entity_poly.entity_id   1
_entity_poly.type   'polypeptide(L)'
_entity_poly.pdbx_seq_one_letter_code
;SCPPCMEVSSCDEETGECEIGSRCPPC
;
_entity_poly.pdbx_strand_id   A
#
# COMPACT_ATOMS: atom_id res chain seq x y z
N SER A 1 -16.58 -4.37 -12.65
CA SER A 1 -15.84 -3.09 -12.59
C SER A 1 -14.65 -3.23 -11.65
N CYS A 2 -13.52 -2.65 -12.03
CA CYS A 2 -12.30 -2.75 -11.24
C CYS A 2 -12.35 -1.80 -10.04
N PRO A 3 -12.03 -2.31 -8.84
CA PRO A 3 -12.00 -1.50 -7.62
C PRO A 3 -10.93 -0.40 -7.71
N PRO A 4 -11.32 0.84 -7.36
CA PRO A 4 -10.42 2.00 -7.40
C PRO A 4 -9.16 1.78 -6.56
N CYS A 5 -8.05 2.35 -7.00
CA CYS A 5 -6.78 2.17 -6.34
C CYS A 5 -6.77 2.89 -4.99
N MET A 6 -5.99 2.36 -4.06
CA MET A 6 -5.97 2.86 -2.69
C MET A 6 -4.53 2.94 -2.20
N GLU A 7 -4.27 3.78 -1.22
CA GLU A 7 -2.96 3.83 -0.61
C GLU A 7 -2.96 3.07 0.70
N VAL A 8 -2.01 2.17 0.84
CA VAL A 8 -1.90 1.35 2.04
C VAL A 8 -0.63 1.70 2.80
N SER A 9 -0.64 1.46 4.09
CA SER A 9 0.52 1.72 4.91
C SER A 9 1.22 0.41 5.27
N SER A 10 2.52 0.36 5.03
CA SER A 10 3.29 -0.82 5.32
C SER A 10 4.52 -0.45 6.12
N CYS A 11 4.77 -1.18 7.19
CA CYS A 11 5.90 -0.91 8.04
C CYS A 11 7.02 -1.91 7.79
N ASP A 12 8.19 -1.39 7.50
CA ASP A 12 9.34 -2.22 7.20
C ASP A 12 10.18 -2.40 8.45
N GLU A 13 10.77 -3.58 8.58
CA GLU A 13 11.58 -3.92 9.74
C GLU A 13 13.02 -3.44 9.57
N GLU A 14 13.33 -2.97 8.37
CA GLU A 14 14.70 -2.62 7.99
C GLU A 14 15.25 -1.53 8.91
N THR A 15 14.51 -0.45 9.04
CA THR A 15 14.91 0.63 9.93
C THR A 15 13.77 1.01 10.88
N GLY A 16 12.65 0.31 10.75
CA GLY A 16 11.57 0.46 11.70
C GLY A 16 10.56 1.53 11.31
N GLU A 17 10.62 2.01 10.08
CA GLU A 17 9.73 3.06 9.64
C GLU A 17 8.66 2.49 8.72
N CYS A 18 7.61 3.26 8.51
CA CYS A 18 6.49 2.83 7.69
C CYS A 18 6.33 3.74 6.48
N GLU A 19 5.91 3.16 5.37
CA GLU A 19 5.67 3.93 4.16
C GLU A 19 4.25 3.72 3.65
N ILE A 20 3.72 4.74 3.01
CA ILE A 20 2.42 4.65 2.38
C ILE A 20 2.59 4.37 0.90
N GLY A 21 1.99 3.29 0.42
CA GLY A 21 2.19 2.89 -0.94
C GLY A 21 0.88 2.65 -1.63
N SER A 22 0.74 3.21 -2.81
CA SER A 22 -0.44 3.00 -3.61
C SER A 22 -0.51 1.55 -4.07
N ARG A 23 -1.62 0.92 -3.77
CA ARG A 23 -1.85 -0.45 -4.16
C ARG A 23 -3.20 -0.57 -4.86
N CYS A 24 -3.16 -0.92 -6.13
CA CYS A 24 -4.36 -0.96 -6.93
C CYS A 24 -4.89 -2.39 -7.03
N PRO A 25 -6.13 -2.62 -6.57
CA PRO A 25 -6.77 -3.94 -6.66
C PRO A 25 -6.82 -4.42 -8.11
N PRO A 26 -6.36 -5.66 -8.34
CA PRO A 26 -6.24 -6.21 -9.70
C PRO A 26 -7.58 -6.55 -10.33
N CYS A 27 -7.61 -6.49 -11.65
CA CYS A 27 -8.80 -6.86 -12.39
C CYS A 27 -8.69 -8.33 -12.81
N SER A 1 -15.05 -2.61 -15.04
CA SER A 1 -14.75 -1.57 -14.04
C SER A 1 -13.56 -1.99 -13.19
N CYS A 2 -12.71 -1.04 -12.87
CA CYS A 2 -11.56 -1.29 -12.01
C CYS A 2 -11.93 -1.01 -10.56
N PRO A 3 -11.76 -2.00 -9.67
CA PRO A 3 -12.03 -1.85 -8.25
C PRO A 3 -11.19 -0.74 -7.63
N PRO A 4 -11.76 0.02 -6.68
CA PRO A 4 -11.07 1.16 -6.04
C PRO A 4 -9.70 0.79 -5.48
N CYS A 5 -8.70 1.56 -5.88
CA CYS A 5 -7.34 1.37 -5.43
C CYS A 5 -7.04 2.35 -4.29
N MET A 6 -6.23 1.93 -3.32
CA MET A 6 -6.01 2.75 -2.15
C MET A 6 -4.57 2.67 -1.67
N GLU A 7 -4.16 3.68 -0.91
CA GLU A 7 -2.83 3.71 -0.32
C GLU A 7 -2.85 3.04 1.05
N VAL A 8 -1.93 2.13 1.26
CA VAL A 8 -1.81 1.45 2.55
C VAL A 8 -0.48 1.80 3.20
N SER A 9 -0.38 1.57 4.49
CA SER A 9 0.85 1.85 5.20
C SER A 9 1.56 0.54 5.53
N SER A 10 2.84 0.47 5.19
CA SER A 10 3.65 -0.69 5.48
C SER A 10 4.91 -0.25 6.22
N CYS A 11 5.19 -0.91 7.32
CA CYS A 11 6.33 -0.54 8.15
C CYS A 11 7.41 -1.61 8.09
N ASP A 12 8.63 -1.17 7.83
CA ASP A 12 9.77 -2.07 7.72
C ASP A 12 10.34 -2.38 9.09
N GLU A 13 10.71 -3.64 9.28
CA GLU A 13 11.14 -4.15 10.59
C GLU A 13 12.59 -3.78 10.90
N GLU A 14 13.36 -3.46 9.86
CA GLU A 14 14.78 -3.21 10.03
C GLU A 14 15.05 -1.72 10.25
N THR A 15 14.38 -0.89 9.47
CA THR A 15 14.57 0.56 9.54
C THR A 15 13.59 1.20 10.52
N GLY A 16 12.45 0.54 10.70
CA GLY A 16 11.44 1.06 11.61
C GLY A 16 10.59 2.13 10.96
N GLU A 17 10.78 2.35 9.67
CA GLU A 17 10.06 3.37 8.95
C GLU A 17 8.82 2.78 8.29
N CYS A 18 7.86 3.64 8.01
CA CYS A 18 6.64 3.21 7.36
C CYS A 18 6.46 3.94 6.04
N GLU A 19 6.12 3.18 5.00
CA GLU A 19 5.91 3.74 3.68
C GLU A 19 4.41 3.75 3.35
N ILE A 20 4.04 4.57 2.39
CA ILE A 20 2.66 4.61 1.92
C ILE A 20 2.61 4.04 0.50
N GLY A 21 2.04 2.86 0.37
CA GLY A 21 2.08 2.15 -0.88
C GLY A 21 0.70 1.93 -1.45
N SER A 22 0.49 2.46 -2.63
CA SER A 22 -0.76 2.28 -3.34
C SER A 22 -0.93 0.83 -3.77
N ARG A 23 -2.05 0.26 -3.39
CA ARG A 23 -2.44 -1.07 -3.84
C ARG A 23 -3.62 -0.96 -4.76
N CYS A 24 -3.42 -1.36 -6.01
CA CYS A 24 -4.44 -1.18 -7.03
C CYS A 24 -4.85 -2.54 -7.61
N PRO A 25 -6.05 -3.02 -7.25
CA PRO A 25 -6.57 -4.29 -7.75
C PRO A 25 -6.82 -4.29 -9.25
N PRO A 26 -6.65 -5.45 -9.91
CA PRO A 26 -6.83 -5.58 -11.35
C PRO A 26 -8.29 -5.39 -11.78
N CYS A 27 -8.47 -4.84 -12.97
CA CYS A 27 -9.80 -4.60 -13.51
C CYS A 27 -10.38 -5.91 -14.06
N SER A 1 -16.98 0.25 -13.52
CA SER A 1 -16.81 0.81 -12.17
C SER A 1 -15.66 0.11 -11.45
N CYS A 2 -14.44 0.51 -11.75
CA CYS A 2 -13.25 -0.07 -11.13
C CYS A 2 -13.06 0.42 -9.71
N PRO A 3 -12.72 -0.49 -8.78
CA PRO A 3 -12.45 -0.15 -7.39
C PRO A 3 -11.26 0.78 -7.25
N PRO A 4 -11.34 1.78 -6.35
CA PRO A 4 -10.25 2.72 -6.09
C PRO A 4 -8.98 2.02 -5.65
N CYS A 5 -7.85 2.51 -6.14
CA CYS A 5 -6.55 1.94 -5.79
C CYS A 5 -6.26 2.18 -4.31
N MET A 6 -6.20 1.11 -3.54
CA MET A 6 -6.08 1.22 -2.10
C MET A 6 -4.64 1.42 -1.69
N GLU A 7 -4.38 2.50 -0.97
CA GLU A 7 -3.07 2.75 -0.41
C GLU A 7 -2.93 2.02 0.92
N VAL A 8 -1.90 1.20 1.03
CA VAL A 8 -1.65 0.48 2.26
C VAL A 8 -0.36 0.97 2.91
N SER A 9 -0.25 0.79 4.20
CA SER A 9 0.91 1.24 4.93
C SER A 9 1.75 0.07 5.40
N SER A 10 3.04 0.12 5.13
CA SER A 10 3.95 -0.94 5.53
C SER A 10 5.10 -0.36 6.35
N CYS A 11 5.41 -1.01 7.46
CA CYS A 11 6.48 -0.55 8.33
C CYS A 11 7.63 -1.55 8.31
N ASP A 12 8.84 -1.02 8.37
CA ASP A 12 10.04 -1.85 8.38
C ASP A 12 10.67 -1.82 9.76
N GLU A 13 10.85 -3.00 10.35
CA GLU A 13 11.34 -3.11 11.73
C GLU A 13 12.82 -2.72 11.82
N GLU A 14 13.55 -2.86 10.74
CA GLU A 14 14.98 -2.57 10.73
C GLU A 14 15.22 -1.07 10.87
N THR A 15 14.56 -0.31 10.01
CA THR A 15 14.76 1.13 9.96
C THR A 15 13.78 1.86 10.87
N GLY A 16 12.61 1.28 11.07
CA GLY A 16 11.60 1.91 11.89
C GLY A 16 10.74 2.87 11.10
N GLU A 17 10.82 2.77 9.77
CA GLU A 17 10.08 3.65 8.89
C GLU A 17 8.85 2.95 8.34
N CYS A 18 7.88 3.75 7.92
CA CYS A 18 6.66 3.23 7.35
C CYS A 18 6.36 3.95 6.03
N GLU A 19 6.01 3.18 5.02
CA GLU A 19 5.70 3.73 3.70
C GLU A 19 4.25 3.46 3.34
N ILE A 20 3.72 4.29 2.46
CA ILE A 20 2.38 4.07 1.92
C ILE A 20 2.49 3.64 0.47
N GLY A 21 1.94 2.47 0.15
CA GLY A 21 2.02 1.93 -1.17
C GLY A 21 0.66 1.65 -1.74
N SER A 22 0.40 2.22 -2.90
CA SER A 22 -0.86 2.03 -3.57
C SER A 22 -0.91 0.66 -4.24
N ARG A 23 -1.96 -0.08 -3.92
CA ARG A 23 -2.21 -1.36 -4.52
C ARG A 23 -3.57 -1.33 -5.21
N CYS A 24 -3.58 -1.50 -6.52
CA CYS A 24 -4.79 -1.33 -7.29
C CYS A 24 -5.19 -2.65 -7.97
N PRO A 25 -6.43 -3.12 -7.72
CA PRO A 25 -6.95 -4.34 -8.33
C PRO A 25 -7.18 -4.20 -9.83
N PRO A 26 -6.87 -5.24 -10.60
CA PRO A 26 -7.03 -5.22 -12.06
C PRO A 26 -8.49 -5.20 -12.47
N CYS A 27 -8.79 -4.50 -13.55
CA CYS A 27 -10.15 -4.43 -14.06
C CYS A 27 -10.37 -5.51 -15.12
N SER A 1 -18.51 -2.77 -11.69
CA SER A 1 -17.64 -1.66 -11.25
C SER A 1 -16.32 -2.20 -10.71
N CYS A 2 -15.23 -1.78 -11.32
CA CYS A 2 -13.91 -2.18 -10.87
C CYS A 2 -13.53 -1.45 -9.58
N PRO A 3 -12.88 -2.16 -8.64
CA PRO A 3 -12.43 -1.57 -7.37
C PRO A 3 -11.33 -0.52 -7.60
N PRO A 4 -11.50 0.67 -7.02
CA PRO A 4 -10.54 1.78 -7.17
C PRO A 4 -9.23 1.50 -6.43
N CYS A 5 -8.19 2.23 -6.82
CA CYS A 5 -6.87 2.05 -6.23
C CYS A 5 -6.83 2.72 -4.86
N MET A 6 -5.97 2.22 -3.99
CA MET A 6 -5.92 2.69 -2.61
C MET A 6 -4.48 2.76 -2.11
N GLU A 7 -4.25 3.57 -1.08
CA GLU A 7 -2.94 3.68 -0.47
C GLU A 7 -2.78 2.62 0.61
N VAL A 8 -1.62 2.00 0.68
CA VAL A 8 -1.36 0.96 1.66
C VAL A 8 -0.13 1.30 2.48
N SER A 9 0.01 0.65 3.62
CA SER A 9 1.14 0.92 4.51
C SER A 9 2.11 -0.23 4.53
N SER A 10 3.39 0.08 4.34
CA SER A 10 4.44 -0.90 4.44
C SER A 10 5.45 -0.44 5.49
N CYS A 11 5.81 -1.34 6.39
CA CYS A 11 6.69 -0.97 7.49
C CYS A 11 7.97 -1.80 7.47
N ASP A 12 9.09 -1.12 7.60
CA ASP A 12 10.38 -1.77 7.65
C ASP A 12 10.72 -2.13 9.09
N GLU A 13 10.86 -3.42 9.37
CA GLU A 13 11.06 -3.90 10.74
C GLU A 13 12.49 -3.66 11.23
N GLU A 14 13.38 -3.30 10.33
CA GLU A 14 14.77 -3.09 10.68
C GLU A 14 14.97 -1.68 11.23
N THR A 15 14.45 -0.70 10.52
CA THR A 15 14.58 0.69 10.91
C THR A 15 13.39 1.15 11.77
N GLY A 16 12.23 0.57 11.50
CA GLY A 16 11.04 0.88 12.29
C GLY A 16 10.20 1.98 11.68
N GLU A 17 10.35 2.21 10.39
CA GLU A 17 9.60 3.25 9.70
C GLU A 17 8.53 2.63 8.80
N CYS A 18 7.49 3.41 8.54
CA CYS A 18 6.40 2.95 7.69
C CYS A 18 6.20 3.91 6.52
N GLU A 19 6.02 3.36 5.34
CA GLU A 19 5.83 4.14 4.14
C GLU A 19 4.46 3.88 3.54
N ILE A 20 3.87 4.90 2.94
CA ILE A 20 2.57 4.76 2.30
C ILE A 20 2.74 4.59 0.80
N GLY A 21 2.25 3.48 0.30
CA GLY A 21 2.28 3.21 -1.12
C GLY A 21 0.89 3.17 -1.68
N SER A 22 0.71 2.45 -2.76
CA SER A 22 -0.59 2.33 -3.39
C SER A 22 -0.72 1.02 -4.15
N ARG A 23 -1.83 0.33 -3.95
CA ARG A 23 -2.11 -0.91 -4.63
C ARG A 23 -3.46 -0.82 -5.33
N CYS A 24 -3.46 -1.09 -6.62
CA CYS A 24 -4.68 -1.01 -7.41
C CYS A 24 -5.17 -2.42 -7.71
N PRO A 25 -6.29 -2.85 -7.10
CA PRO A 25 -6.82 -4.20 -7.28
C PRO A 25 -7.15 -4.50 -8.75
N PRO A 26 -6.64 -5.62 -9.28
CA PRO A 26 -6.86 -6.02 -10.67
C PRO A 26 -8.34 -6.27 -10.96
N CYS A 27 -8.76 -5.94 -12.17
CA CYS A 27 -10.15 -6.07 -12.57
C CYS A 27 -10.23 -6.55 -14.01
N SER A 1 -18.11 -1.99 -10.41
CA SER A 1 -17.25 -1.03 -9.71
C SER A 1 -15.95 -1.70 -9.26
N CYS A 2 -14.89 -1.46 -10.02
CA CYS A 2 -13.57 -1.97 -9.66
C CYS A 2 -12.82 -0.92 -8.84
N PRO A 3 -12.33 -1.29 -7.65
CA PRO A 3 -11.61 -0.35 -6.78
C PRO A 3 -10.32 0.17 -7.44
N PRO A 4 -10.14 1.50 -7.47
CA PRO A 4 -8.93 2.13 -7.98
C PRO A 4 -7.74 1.89 -7.06
N CYS A 5 -6.55 2.24 -7.53
CA CYS A 5 -5.33 2.11 -6.73
C CYS A 5 -5.51 2.75 -5.36
N MET A 6 -5.41 1.93 -4.32
CA MET A 6 -5.63 2.39 -2.97
C MET A 6 -4.35 2.32 -2.16
N GLU A 7 -4.16 3.33 -1.33
CA GLU A 7 -2.95 3.45 -0.54
C GLU A 7 -3.07 2.59 0.71
N VAL A 8 -2.06 1.75 0.93
CA VAL A 8 -2.08 0.80 2.04
C VAL A 8 -1.01 1.12 3.06
N SER A 9 -1.17 0.60 4.26
CA SER A 9 -0.22 0.83 5.32
C SER A 9 0.80 -0.30 5.38
N SER A 10 2.07 0.05 5.42
CA SER A 10 3.14 -0.93 5.52
C SER A 10 4.32 -0.30 6.24
N CYS A 11 5.04 -1.08 7.02
CA CYS A 11 6.16 -0.55 7.77
C CYS A 11 7.33 -1.51 7.73
N ASP A 12 8.51 -0.99 7.40
CA ASP A 12 9.71 -1.80 7.32
C ASP A 12 10.38 -1.86 8.68
N GLU A 13 10.60 -3.07 9.18
CA GLU A 13 11.13 -3.24 10.52
C GLU A 13 12.64 -3.11 10.56
N GLU A 14 13.29 -3.29 9.42
CA GLU A 14 14.75 -3.18 9.36
C GLU A 14 15.17 -1.72 9.47
N THR A 15 14.47 -0.85 8.77
CA THR A 15 14.78 0.57 8.80
C THR A 15 13.96 1.27 9.89
N GLY A 16 12.81 0.69 10.23
CA GLY A 16 11.95 1.26 11.24
C GLY A 16 11.01 2.29 10.67
N GLU A 17 11.02 2.42 9.35
CA GLU A 17 10.25 3.45 8.67
C GLU A 17 8.91 2.89 8.20
N CYS A 18 7.84 3.49 8.70
CA CYS A 18 6.50 3.14 8.26
C CYS A 18 6.11 4.04 7.10
N GLU A 19 5.56 3.44 6.05
CA GLU A 19 5.30 4.16 4.81
C GLU A 19 3.88 3.93 4.31
N ILE A 20 3.50 4.77 3.35
CA ILE A 20 2.22 4.65 2.69
C ILE A 20 2.43 4.02 1.32
N GLY A 21 1.86 2.84 1.10
CA GLY A 21 2.01 2.20 -0.17
C GLY A 21 0.80 2.43 -1.04
N SER A 22 0.59 1.54 -1.98
CA SER A 22 -0.54 1.61 -2.87
C SER A 22 -0.63 0.34 -3.70
N ARG A 23 -1.79 -0.28 -3.71
CA ARG A 23 -2.00 -1.49 -4.47
C ARG A 23 -3.20 -1.33 -5.39
N CYS A 24 -3.03 -1.72 -6.65
CA CYS A 24 -4.07 -1.56 -7.64
C CYS A 24 -4.74 -2.90 -7.96
N PRO A 25 -5.99 -3.09 -7.50
CA PRO A 25 -6.75 -4.31 -7.79
C PRO A 25 -7.11 -4.40 -9.27
N PRO A 26 -7.08 -5.63 -9.82
CA PRO A 26 -7.38 -5.86 -11.24
C PRO A 26 -8.86 -5.69 -11.55
N CYS A 27 -9.17 -5.45 -12.82
CA CYS A 27 -10.54 -5.23 -13.25
C CYS A 27 -10.77 -5.83 -14.63
N SER A 1 -15.45 -3.33 -13.96
CA SER A 1 -14.55 -2.18 -13.80
C SER A 1 -13.59 -2.42 -12.64
N CYS A 2 -12.35 -2.00 -12.81
CA CYS A 2 -11.34 -2.20 -11.78
C CYS A 2 -11.28 -0.97 -10.85
N PRO A 3 -11.35 -1.20 -9.53
CA PRO A 3 -11.30 -0.13 -8.53
C PRO A 3 -9.92 0.53 -8.45
N PRO A 4 -9.88 1.83 -8.14
CA PRO A 4 -8.62 2.58 -8.02
C PRO A 4 -7.76 2.09 -6.87
N CYS A 5 -6.45 2.28 -7.00
CA CYS A 5 -5.48 1.83 -6.02
C CYS A 5 -5.64 2.58 -4.69
N MET A 6 -5.81 1.83 -3.61
CA MET A 6 -6.06 2.39 -2.30
C MET A 6 -4.76 2.61 -1.54
N GLU A 7 -4.58 3.81 -1.00
CA GLU A 7 -3.38 4.12 -0.22
C GLU A 7 -3.48 3.53 1.18
N VAL A 8 -2.58 2.60 1.46
CA VAL A 8 -2.55 1.93 2.74
C VAL A 8 -1.27 2.24 3.49
N SER A 9 -1.30 2.06 4.79
CA SER A 9 -0.13 2.28 5.62
C SER A 9 0.61 0.96 5.83
N SER A 10 1.91 0.96 5.58
CA SER A 10 2.71 -0.24 5.69
C SER A 10 4.06 0.07 6.32
N CYS A 11 4.52 -0.82 7.19
CA CYS A 11 5.82 -0.64 7.83
C CYS A 11 6.79 -1.73 7.40
N ASP A 12 8.00 -1.32 7.07
CA ASP A 12 9.04 -2.25 6.67
C ASP A 12 9.89 -2.62 7.88
N GLU A 13 10.05 -3.92 8.12
CA GLU A 13 10.75 -4.39 9.31
C GLU A 13 12.26 -4.42 9.10
N GLU A 14 12.68 -4.43 7.85
CA GLU A 14 14.11 -4.46 7.54
C GLU A 14 14.73 -3.10 7.75
N THR A 15 14.09 -2.08 7.22
CA THR A 15 14.58 -0.71 7.32
C THR A 15 14.02 0.01 8.55
N GLY A 16 12.85 -0.43 8.99
CA GLY A 16 12.25 0.10 10.20
C GLY A 16 11.45 1.37 9.95
N GLU A 17 11.04 1.58 8.72
CA GLU A 17 10.30 2.78 8.35
C GLU A 17 8.87 2.45 7.94
N CYS A 18 7.97 3.39 8.16
CA CYS A 18 6.57 3.22 7.81
C CYS A 18 6.18 4.21 6.72
N GLU A 19 5.52 3.72 5.68
CA GLU A 19 5.11 4.56 4.57
C GLU A 19 3.67 4.25 4.18
N ILE A 20 3.04 5.20 3.52
CA ILE A 20 1.70 5.00 2.98
C ILE A 20 1.78 4.88 1.47
N GLY A 21 1.20 3.82 0.92
CA GLY A 21 1.33 3.58 -0.49
C GLY A 21 0.06 2.99 -1.08
N SER A 22 -0.29 3.47 -2.25
CA SER A 22 -1.44 2.95 -2.97
C SER A 22 -1.17 1.55 -3.47
N ARG A 23 -2.04 0.64 -3.07
CA ARG A 23 -1.95 -0.74 -3.47
C ARG A 23 -3.04 -1.03 -4.50
N CYS A 24 -2.63 -1.56 -5.64
CA CYS A 24 -3.57 -1.84 -6.72
C CYS A 24 -3.98 -3.30 -6.69
N PRO A 25 -5.29 -3.57 -6.60
CA PRO A 25 -5.81 -4.94 -6.54
C PRO A 25 -5.80 -5.60 -7.92
N PRO A 26 -5.71 -6.94 -7.97
CA PRO A 26 -5.75 -7.68 -9.22
C PRO A 26 -7.13 -7.63 -9.87
N CYS A 27 -7.18 -7.24 -11.13
CA CYS A 27 -8.42 -7.13 -11.85
C CYS A 27 -8.34 -7.89 -13.17
N SER A 1 -17.84 -4.37 -10.11
CA SER A 1 -17.30 -3.12 -9.56
C SER A 1 -15.86 -3.33 -9.09
N CYS A 2 -14.91 -2.98 -9.94
CA CYS A 2 -13.50 -3.16 -9.62
C CYS A 2 -13.03 -2.06 -8.67
N PRO A 3 -12.47 -2.44 -7.50
CA PRO A 3 -11.99 -1.49 -6.49
C PRO A 3 -10.91 -0.56 -7.03
N PRO A 4 -11.02 0.74 -6.74
CA PRO A 4 -10.04 1.75 -7.17
C PRO A 4 -8.72 1.65 -6.42
N CYS A 5 -7.73 2.36 -6.90
CA CYS A 5 -6.40 2.34 -6.29
C CYS A 5 -6.44 2.91 -4.88
N MET A 6 -5.88 2.17 -3.94
CA MET A 6 -5.90 2.54 -2.53
C MET A 6 -4.49 2.59 -1.98
N GLU A 7 -4.24 3.50 -1.05
CA GLU A 7 -2.94 3.61 -0.42
C GLU A 7 -2.84 2.62 0.73
N VAL A 8 -1.81 1.80 0.69
CA VAL A 8 -1.58 0.81 1.73
C VAL A 8 -0.33 1.17 2.51
N SER A 9 -0.26 0.69 3.73
CA SER A 9 0.87 0.97 4.58
C SER A 9 1.70 -0.28 4.79
N SER A 10 3.00 -0.14 4.58
CA SER A 10 3.94 -1.23 4.78
C SER A 10 5.10 -0.73 5.62
N CYS A 11 5.46 -1.45 6.65
CA CYS A 11 6.44 -0.94 7.59
C CYS A 11 7.59 -1.92 7.79
N ASP A 12 8.81 -1.41 7.74
CA ASP A 12 9.99 -2.23 7.95
C ASP A 12 10.36 -2.24 9.42
N GLU A 13 10.46 -3.44 9.98
CA GLU A 13 10.84 -3.59 11.38
C GLU A 13 12.33 -3.32 11.56
N GLU A 14 13.07 -3.36 10.45
CA GLU A 14 14.49 -3.09 10.46
C GLU A 14 14.76 -1.63 10.76
N THR A 15 14.03 -0.75 10.09
CA THR A 15 14.26 0.68 10.19
C THR A 15 13.30 1.34 11.17
N GLY A 16 12.12 0.77 11.30
CA GLY A 16 11.09 1.36 12.13
C GLY A 16 10.25 2.34 11.35
N GLU A 17 10.57 2.46 10.06
CA GLU A 17 9.90 3.41 9.19
C GLU A 17 8.77 2.73 8.43
N CYS A 18 7.60 3.33 8.47
CA CYS A 18 6.45 2.80 7.76
C CYS A 18 6.19 3.64 6.51
N GLU A 19 6.00 2.97 5.39
CA GLU A 19 5.77 3.65 4.12
C GLU A 19 4.34 3.48 3.64
N ILE A 20 3.95 4.33 2.70
CA ILE A 20 2.62 4.29 2.11
C ILE A 20 2.74 4.16 0.59
N GLY A 21 1.93 3.30 0.01
CA GLY A 21 1.97 3.09 -1.42
C GLY A 21 0.61 2.80 -1.98
N SER A 22 0.24 3.50 -3.03
CA SER A 22 -1.02 3.27 -3.69
C SER A 22 -0.96 2.02 -4.54
N ARG A 23 -1.88 1.12 -4.29
CA ARG A 23 -1.97 -0.14 -5.02
C ARG A 23 -3.29 -0.21 -5.77
N CYS A 24 -3.23 -0.54 -7.05
CA CYS A 24 -4.42 -0.65 -7.87
C CYS A 24 -4.83 -2.12 -8.00
N PRO A 25 -5.91 -2.52 -7.32
CA PRO A 25 -6.43 -3.89 -7.38
C PRO A 25 -6.84 -4.27 -8.80
N PRO A 26 -6.45 -5.47 -9.25
CA PRO A 26 -6.75 -5.94 -10.61
C PRO A 26 -8.25 -6.01 -10.87
N CYS A 27 -8.68 -5.41 -11.96
CA CYS A 27 -10.08 -5.37 -12.33
C CYS A 27 -10.49 -6.68 -12.97
N SER A 1 -16.56 -1.25 -13.32
CA SER A 1 -16.06 -0.66 -12.06
C SER A 1 -14.78 -1.34 -11.61
N CYS A 2 -13.66 -0.88 -12.14
CA CYS A 2 -12.36 -1.40 -11.76
C CYS A 2 -12.01 -0.93 -10.35
N PRO A 3 -11.48 -1.84 -9.51
CA PRO A 3 -11.12 -1.52 -8.13
C PRO A 3 -10.22 -0.29 -8.02
N PRO A 4 -10.61 0.67 -7.17
CA PRO A 4 -9.81 1.86 -6.91
C PRO A 4 -8.49 1.52 -6.21
N CYS A 5 -7.49 2.35 -6.43
CA CYS A 5 -6.19 2.17 -5.79
C CYS A 5 -6.24 2.69 -4.35
N MET A 6 -6.00 1.80 -3.41
CA MET A 6 -6.05 2.16 -2.01
C MET A 6 -4.65 2.39 -1.46
N GLU A 7 -4.45 3.52 -0.79
CA GLU A 7 -3.18 3.83 -0.18
C GLU A 7 -3.06 3.10 1.15
N VAL A 8 -2.10 2.21 1.25
CA VAL A 8 -1.89 1.43 2.44
C VAL A 8 -0.54 1.76 3.07
N SER A 9 -0.37 1.42 4.33
CA SER A 9 0.86 1.69 5.03
C SER A 9 1.41 0.42 5.68
N SER A 10 2.68 0.16 5.44
CA SER A 10 3.34 -0.97 6.06
C SER A 10 4.69 -0.52 6.60
N CYS A 11 5.18 -1.20 7.62
CA CYS A 11 6.43 -0.80 8.26
C CYS A 11 7.46 -1.91 8.19
N ASP A 12 8.66 -1.56 7.76
CA ASP A 12 9.77 -2.51 7.71
C ASP A 12 10.53 -2.48 9.02
N GLU A 13 10.63 -3.63 9.66
CA GLU A 13 11.33 -3.75 10.93
C GLU A 13 12.82 -3.54 10.74
N GLU A 14 13.27 -3.66 9.50
CA GLU A 14 14.67 -3.40 9.16
C GLU A 14 14.99 -1.92 9.30
N THR A 15 14.09 -1.07 8.85
CA THR A 15 14.34 0.36 8.83
C THR A 15 13.64 1.08 9.99
N GLY A 16 12.50 0.53 10.39
CA GLY A 16 11.71 1.16 11.43
C GLY A 16 10.78 2.21 10.87
N GLU A 17 10.69 2.26 9.55
CA GLU A 17 9.89 3.28 8.88
C GLU A 17 8.65 2.66 8.25
N CYS A 18 7.72 3.53 7.88
CA CYS A 18 6.47 3.10 7.28
C CYS A 18 6.17 3.94 6.05
N GLU A 19 5.89 3.30 4.93
CA GLU A 19 5.57 4.01 3.70
C GLU A 19 4.11 3.81 3.33
N ILE A 20 3.53 4.81 2.69
CA ILE A 20 2.16 4.70 2.20
C ILE A 20 2.20 4.46 0.69
N GLY A 21 1.68 3.32 0.28
CA GLY A 21 1.74 2.94 -1.10
C GLY A 21 0.40 2.54 -1.63
N SER A 22 0.14 2.90 -2.87
CA SER A 22 -1.11 2.59 -3.51
C SER A 22 -1.15 1.12 -3.94
N ARG A 23 -2.20 0.44 -3.49
CA ARG A 23 -2.46 -0.94 -3.89
C ARG A 23 -3.62 -0.96 -4.87
N CYS A 24 -3.39 -1.49 -6.07
CA CYS A 24 -4.40 -1.52 -7.09
C CYS A 24 -4.74 -2.95 -7.47
N PRO A 25 -5.91 -3.45 -7.04
CA PRO A 25 -6.39 -4.78 -7.41
C PRO A 25 -6.69 -4.87 -8.91
N PRO A 26 -6.24 -5.95 -9.57
CA PRO A 26 -6.42 -6.13 -11.02
C PRO A 26 -7.88 -6.09 -11.45
N CYS A 27 -8.15 -5.38 -12.54
CA CYS A 27 -9.50 -5.29 -13.08
C CYS A 27 -9.66 -6.28 -14.21
N SER A 1 -17.41 -4.57 -10.70
CA SER A 1 -16.67 -3.31 -10.78
C SER A 1 -15.22 -3.50 -10.36
N CYS A 2 -14.32 -2.77 -11.01
CA CYS A 2 -12.91 -2.85 -10.68
C CYS A 2 -12.55 -1.87 -9.57
N PRO A 3 -11.94 -2.38 -8.49
CA PRO A 3 -11.56 -1.55 -7.34
C PRO A 3 -10.43 -0.58 -7.70
N PRO A 4 -10.59 0.71 -7.38
CA PRO A 4 -9.58 1.72 -7.65
C PRO A 4 -8.34 1.54 -6.78
N CYS A 5 -7.24 2.17 -7.19
CA CYS A 5 -5.99 2.10 -6.46
C CYS A 5 -6.05 2.99 -5.22
N MET A 6 -5.73 2.43 -4.07
CA MET A 6 -5.83 3.16 -2.81
C MET A 6 -4.48 3.14 -2.08
N GLU A 7 -4.29 4.10 -1.20
CA GLU A 7 -3.08 4.20 -0.41
C GLU A 7 -3.17 3.24 0.77
N VAL A 8 -2.22 2.31 0.83
CA VAL A 8 -2.18 1.33 1.90
C VAL A 8 -0.94 1.55 2.76
N SER A 9 -0.97 0.99 3.96
CA SER A 9 0.13 1.15 4.89
C SER A 9 1.00 -0.10 4.90
N SER A 10 2.29 0.11 4.77
CA SER A 10 3.26 -0.97 4.82
C SER A 10 4.51 -0.48 5.54
N CYS A 11 5.06 -1.30 6.41
CA CYS A 11 6.18 -0.86 7.21
C CYS A 11 7.34 -1.85 7.13
N ASP A 12 8.51 -1.33 6.79
CA ASP A 12 9.73 -2.12 6.79
C ASP A 12 10.27 -2.18 8.21
N GLU A 13 9.89 -3.21 8.94
CA GLU A 13 10.20 -3.31 10.36
C GLU A 13 11.69 -3.44 10.62
N GLU A 14 12.43 -3.93 9.62
CA GLU A 14 13.88 -4.09 9.75
C GLU A 14 14.55 -2.74 9.97
N THR A 15 14.15 -1.75 9.18
CA THR A 15 14.71 -0.41 9.29
C THR A 15 13.90 0.45 10.25
N GLY A 16 12.64 0.05 10.47
CA GLY A 16 11.77 0.78 11.37
C GLY A 16 11.09 1.94 10.69
N GLU A 17 10.89 1.81 9.38
CA GLU A 17 10.26 2.86 8.60
C GLU A 17 8.89 2.41 8.09
N CYS A 18 7.85 3.10 8.52
CA CYS A 18 6.51 2.79 8.07
C CYS A 18 6.06 3.78 7.00
N GLU A 19 5.60 3.26 5.89
CA GLU A 19 5.22 4.10 4.76
C GLU A 19 3.81 3.81 4.29
N ILE A 20 3.31 4.71 3.49
CA ILE A 20 2.00 4.57 2.87
C ILE A 20 2.17 4.64 1.36
N GLY A 21 1.57 3.70 0.64
CA GLY A 21 1.77 3.63 -0.78
C GLY A 21 0.52 3.21 -1.52
N SER A 22 0.31 3.81 -2.66
CA SER A 22 -0.79 3.45 -3.54
C SER A 22 -0.61 2.02 -4.04
N ARG A 23 -1.67 1.25 -3.89
CA ARG A 23 -1.68 -0.12 -4.38
C ARG A 23 -2.92 -0.36 -5.23
N CYS A 24 -2.72 -0.93 -6.40
CA CYS A 24 -3.83 -1.24 -7.30
C CYS A 24 -4.25 -2.70 -7.14
N PRO A 25 -5.51 -2.94 -6.75
CA PRO A 25 -6.06 -4.29 -6.65
C PRO A 25 -6.44 -4.85 -8.02
N PRO A 26 -5.98 -6.07 -8.35
CA PRO A 26 -6.24 -6.70 -9.64
C PRO A 26 -7.73 -6.90 -9.91
N CYS A 27 -8.15 -6.57 -11.11
CA CYS A 27 -9.53 -6.75 -11.53
C CYS A 27 -9.59 -7.77 -12.67
N SER A 1 -13.98 -1.48 -15.56
CA SER A 1 -13.69 -0.40 -14.60
C SER A 1 -12.90 -0.94 -13.41
N CYS A 2 -11.59 -0.79 -13.47
CA CYS A 2 -10.71 -1.27 -12.39
C CYS A 2 -10.95 -0.48 -11.11
N PRO A 3 -10.95 -1.17 -9.96
CA PRO A 3 -11.12 -0.54 -8.65
C PRO A 3 -9.97 0.41 -8.33
N PRO A 4 -10.29 1.59 -7.78
CA PRO A 4 -9.29 2.60 -7.41
C PRO A 4 -8.19 2.04 -6.51
N CYS A 5 -6.96 2.38 -6.81
CA CYS A 5 -5.81 1.90 -6.06
C CYS A 5 -5.81 2.49 -4.66
N MET A 6 -5.98 1.62 -3.67
CA MET A 6 -6.08 2.04 -2.28
C MET A 6 -4.70 2.18 -1.67
N GLU A 7 -4.50 3.27 -0.96
CA GLU A 7 -3.21 3.53 -0.32
C GLU A 7 -3.14 2.79 1.02
N VAL A 8 -2.20 1.86 1.13
CA VAL A 8 -2.05 1.08 2.35
C VAL A 8 -0.74 1.42 3.03
N SER A 9 -0.67 1.14 4.32
CA SER A 9 0.51 1.46 5.11
C SER A 9 1.37 0.23 5.33
N SER A 10 2.66 0.37 5.06
CA SER A 10 3.60 -0.73 5.24
C SER A 10 4.83 -0.27 6.02
N CYS A 11 5.27 -1.08 6.96
CA CYS A 11 6.42 -0.75 7.77
C CYS A 11 7.56 -1.73 7.51
N ASP A 12 8.74 -1.22 7.27
CA ASP A 12 9.90 -2.05 7.00
C ASP A 12 10.71 -2.28 8.27
N GLU A 13 10.89 -3.53 8.64
CA GLU A 13 11.60 -3.89 9.87
C GLU A 13 13.07 -3.48 9.79
N GLU A 14 13.54 -3.27 8.57
CA GLU A 14 14.94 -2.92 8.34
C GLU A 14 15.29 -1.56 8.95
N THR A 15 14.31 -0.68 8.97
CA THR A 15 14.55 0.69 9.40
C THR A 15 13.49 1.18 10.39
N GLY A 16 12.37 0.48 10.47
CA GLY A 16 11.32 0.84 11.39
C GLY A 16 10.43 1.95 10.83
N GLU A 17 10.62 2.25 9.55
CA GLU A 17 9.86 3.32 8.91
C GLU A 17 8.58 2.77 8.31
N CYS A 18 7.50 3.51 8.50
CA CYS A 18 6.22 3.15 7.91
C CYS A 18 5.88 4.12 6.78
N GLU A 19 5.55 3.55 5.63
CA GLU A 19 5.23 4.35 4.45
C GLU A 19 3.87 3.95 3.91
N ILE A 20 3.33 4.78 3.04
CA ILE A 20 2.06 4.50 2.39
C ILE A 20 2.31 4.13 0.94
N GLY A 21 1.68 3.04 0.49
CA GLY A 21 1.90 2.57 -0.85
C GLY A 21 0.59 2.19 -1.52
N SER A 22 0.37 2.73 -2.70
CA SER A 22 -0.82 2.45 -3.46
C SER A 22 -0.89 0.98 -3.86
N ARG A 23 -1.99 0.36 -3.50
CA ARG A 23 -2.27 -1.02 -3.85
C ARG A 23 -3.45 -1.09 -4.81
N CYS A 24 -3.21 -1.55 -6.02
CA CYS A 24 -4.24 -1.61 -7.04
C CYS A 24 -4.91 -2.98 -7.05
N PRO A 25 -6.18 -3.05 -6.61
CA PRO A 25 -6.95 -4.30 -6.58
C PRO A 25 -7.25 -4.82 -7.98
N PRO A 26 -7.40 -6.15 -8.12
CA PRO A 26 -7.71 -6.79 -9.40
C PRO A 26 -9.00 -6.25 -10.01
N CYS A 27 -9.01 -6.12 -11.33
CA CYS A 27 -10.14 -5.53 -12.04
C CYS A 27 -11.27 -6.53 -12.18
N SER A 1 -17.94 -5.49 -8.52
CA SER A 1 -17.31 -4.17 -8.71
C SER A 1 -15.84 -4.22 -8.32
N CYS A 2 -14.98 -3.69 -9.18
CA CYS A 2 -13.56 -3.65 -8.89
C CYS A 2 -13.22 -2.45 -8.02
N PRO A 3 -12.58 -2.68 -6.87
CA PRO A 3 -12.20 -1.60 -5.95
C PRO A 3 -11.12 -0.69 -6.57
N PRO A 4 -11.31 0.63 -6.46
CA PRO A 4 -10.35 1.61 -6.98
C PRO A 4 -9.01 1.55 -6.26
N CYS A 5 -8.00 2.15 -6.87
CA CYS A 5 -6.65 2.12 -6.33
C CYS A 5 -6.59 2.77 -4.96
N MET A 6 -5.98 2.09 -4.00
CA MET A 6 -5.99 2.52 -2.62
C MET A 6 -4.57 2.64 -2.08
N GLU A 7 -4.35 3.60 -1.18
CA GLU A 7 -3.03 3.80 -0.60
C GLU A 7 -2.78 2.79 0.50
N VAL A 8 -1.67 2.09 0.40
CA VAL A 8 -1.33 1.05 1.35
C VAL A 8 -0.06 1.41 2.11
N SER A 9 0.10 0.85 3.28
CA SER A 9 1.28 1.12 4.08
C SER A 9 2.22 -0.07 4.04
N SER A 10 3.48 0.19 3.74
CA SER A 10 4.52 -0.82 3.79
C SER A 10 5.56 -0.40 4.79
N CYS A 11 5.83 -1.25 5.75
CA CYS A 11 6.68 -0.88 6.85
C CYS A 11 7.77 -1.91 7.09
N ASP A 12 8.97 -1.43 7.30
CA ASP A 12 10.08 -2.29 7.66
C ASP A 12 10.22 -2.32 9.16
N GLU A 13 9.73 -3.37 9.79
CA GLU A 13 9.78 -3.50 11.24
C GLU A 13 11.23 -3.61 11.72
N GLU A 14 12.13 -3.84 10.77
CA GLU A 14 13.55 -3.88 11.04
C GLU A 14 14.06 -2.51 11.46
N THR A 15 13.51 -1.46 10.84
CA THR A 15 13.92 -0.10 11.14
C THR A 15 12.84 0.65 11.90
N GLY A 16 11.60 0.25 11.67
CA GLY A 16 10.47 0.91 12.30
C GLY A 16 9.86 1.96 11.39
N GLU A 17 10.42 2.11 10.21
CA GLU A 17 9.95 3.09 9.25
C GLU A 17 8.83 2.52 8.38
N CYS A 18 7.70 3.18 8.40
CA CYS A 18 6.55 2.77 7.61
C CYS A 18 6.26 3.81 6.53
N GLU A 19 6.15 3.37 5.28
CA GLU A 19 5.80 4.26 4.18
C GLU A 19 4.39 3.97 3.71
N ILE A 20 3.76 4.95 3.08
CA ILE A 20 2.43 4.76 2.50
C ILE A 20 2.47 4.94 1.00
N GLY A 21 2.32 3.86 0.27
CA GLY A 21 2.31 3.92 -1.17
C GLY A 21 0.91 3.80 -1.71
N SER A 22 0.75 3.13 -2.83
CA SER A 22 -0.56 2.95 -3.43
C SER A 22 -0.60 1.64 -4.20
N ARG A 23 -1.66 0.88 -3.99
CA ARG A 23 -1.84 -0.40 -4.67
C ARG A 23 -3.24 -0.46 -5.27
N CYS A 24 -3.34 -1.01 -6.47
CA CYS A 24 -4.60 -1.06 -7.16
C CYS A 24 -4.97 -2.50 -7.47
N PRO A 25 -6.14 -2.96 -7.00
CA PRO A 25 -6.65 -4.31 -7.32
C PRO A 25 -6.84 -4.49 -8.82
N PRO A 26 -6.33 -5.60 -9.37
CA PRO A 26 -6.43 -5.89 -10.81
C PRO A 26 -7.87 -6.07 -11.26
N CYS A 27 -8.21 -5.48 -12.40
CA CYS A 27 -9.56 -5.57 -12.92
C CYS A 27 -9.51 -5.72 -14.43
N SER A 1 -17.65 -5.34 -9.42
CA SER A 1 -17.18 -3.94 -9.40
C SER A 1 -15.65 -3.92 -9.46
N CYS A 2 -15.11 -3.11 -10.36
CA CYS A 2 -13.67 -2.98 -10.50
C CYS A 2 -13.13 -2.06 -9.41
N PRO A 3 -12.17 -2.55 -8.62
CA PRO A 3 -11.61 -1.81 -7.50
C PRO A 3 -10.62 -0.73 -7.94
N PRO A 4 -10.80 0.50 -7.47
CA PRO A 4 -9.86 1.59 -7.72
C PRO A 4 -8.59 1.41 -6.90
N CYS A 5 -7.51 2.05 -7.35
CA CYS A 5 -6.23 1.95 -6.65
C CYS A 5 -6.28 2.77 -5.36
N MET A 6 -5.50 2.36 -4.38
CA MET A 6 -5.52 2.98 -3.07
C MET A 6 -4.15 2.93 -2.42
N GLU A 7 -3.85 3.89 -1.57
CA GLU A 7 -2.60 3.86 -0.83
C GLU A 7 -2.84 3.31 0.56
N VAL A 8 -1.98 2.39 0.96
CA VAL A 8 -2.09 1.72 2.25
C VAL A 8 -0.94 2.10 3.15
N SER A 9 -1.12 1.88 4.44
CA SER A 9 -0.06 2.14 5.40
C SER A 9 0.51 0.82 5.91
N SER A 10 1.82 0.70 5.87
CA SER A 10 2.49 -0.52 6.32
C SER A 10 3.88 -0.18 6.83
N CYS A 11 4.30 -0.87 7.88
CA CYS A 11 5.59 -0.62 8.46
C CYS A 11 6.63 -1.58 7.89
N ASP A 12 7.70 -1.01 7.37
CA ASP A 12 8.76 -1.79 6.74
C ASP A 12 9.77 -2.23 7.78
N GLU A 13 9.89 -3.54 7.97
CA GLU A 13 10.77 -4.10 8.99
C GLU A 13 12.23 -4.01 8.57
N GLU A 14 12.47 -3.73 7.29
CA GLU A 14 13.83 -3.59 6.79
C GLU A 14 14.43 -2.27 7.25
N THR A 15 13.73 -1.17 6.98
CA THR A 15 14.21 0.16 7.33
C THR A 15 13.71 0.60 8.70
N GLY A 16 12.69 -0.08 9.20
CA GLY A 16 12.16 0.24 10.53
C GLY A 16 11.27 1.46 10.51
N GLU A 17 10.76 1.80 9.33
CA GLU A 17 9.91 2.96 9.18
C GLU A 17 8.57 2.57 8.59
N CYS A 18 7.53 3.30 8.94
CA CYS A 18 6.21 3.03 8.41
C CYS A 18 5.92 3.93 7.24
N GLU A 19 5.51 3.33 6.13
CA GLU A 19 5.40 4.03 4.86
C GLU A 19 4.01 3.91 4.27
N ILE A 20 3.68 4.83 3.39
CA ILE A 20 2.44 4.76 2.64
C ILE A 20 2.74 4.20 1.26
N GLY A 21 2.06 3.15 0.89
CA GLY A 21 2.33 2.49 -0.36
C GLY A 21 1.10 2.33 -1.20
N SER A 22 1.14 2.89 -2.40
CA SER A 22 0.05 2.76 -3.34
C SER A 22 -0.03 1.33 -3.84
N ARG A 23 -1.20 0.75 -3.70
CA ARG A 23 -1.44 -0.61 -4.12
C ARG A 23 -2.71 -0.67 -4.96
N CYS A 24 -2.57 -1.06 -6.21
CA CYS A 24 -3.69 -1.12 -7.13
C CYS A 24 -4.20 -2.56 -7.25
N PRO A 25 -5.38 -2.84 -6.66
CA PRO A 25 -5.98 -4.19 -6.71
C PRO A 25 -6.20 -4.65 -8.15
N PRO A 26 -5.91 -5.93 -8.42
CA PRO A 26 -6.05 -6.52 -9.76
C PRO A 26 -7.47 -6.36 -10.33
N CYS A 27 -7.53 -5.95 -11.59
CA CYS A 27 -8.80 -5.80 -12.27
C CYS A 27 -8.63 -6.08 -13.76
N SER A 1 -17.11 -0.60 -13.51
CA SER A 1 -16.32 0.34 -12.69
C SER A 1 -15.08 -0.35 -12.14
N CYS A 2 -13.91 0.16 -12.48
CA CYS A 2 -12.66 -0.37 -11.97
C CYS A 2 -12.51 -0.03 -10.49
N PRO A 3 -12.12 -1.03 -9.68
CA PRO A 3 -11.92 -0.84 -8.24
C PRO A 3 -10.84 0.20 -7.96
N PRO A 4 -11.14 1.18 -7.10
CA PRO A 4 -10.22 2.28 -6.78
C PRO A 4 -8.95 1.79 -6.11
N CYS A 5 -7.81 2.20 -6.65
CA CYS A 5 -6.52 1.86 -6.08
C CYS A 5 -6.37 2.53 -4.72
N MET A 6 -6.19 1.74 -3.67
CA MET A 6 -6.16 2.25 -2.32
C MET A 6 -4.74 2.30 -1.78
N GLU A 7 -4.34 3.46 -1.27
CA GLU A 7 -3.03 3.62 -0.66
C GLU A 7 -2.96 2.83 0.64
N VAL A 8 -2.01 1.92 0.71
CA VAL A 8 -1.82 1.11 1.91
C VAL A 8 -0.49 1.45 2.56
N SER A 9 -0.33 1.11 3.82
CA SER A 9 0.88 1.44 4.55
C SER A 9 1.58 0.18 5.05
N SER A 10 2.90 0.22 5.06
CA SER A 10 3.69 -0.88 5.55
C SER A 10 4.88 -0.36 6.34
N CYS A 11 5.36 -1.14 7.29
CA CYS A 11 6.49 -0.73 8.10
C CYS A 11 7.62 -1.75 7.98
N ASP A 12 8.81 -1.26 7.69
CA ASP A 12 9.97 -2.13 7.58
C ASP A 12 10.76 -2.12 8.89
N GLU A 13 11.39 -3.25 9.17
CA GLU A 13 12.10 -3.44 10.43
C GLU A 13 13.51 -2.86 10.37
N GLU A 14 13.92 -2.45 9.17
CA GLU A 14 15.28 -1.96 8.94
C GLU A 14 15.62 -0.82 9.89
N THR A 15 14.78 0.22 9.88
CA THR A 15 14.97 1.35 10.78
C THR A 15 13.68 1.65 11.54
N GLY A 16 12.62 0.92 11.21
CA GLY A 16 11.35 1.12 11.87
C GLY A 16 10.54 2.23 11.24
N GLU A 17 10.68 2.39 9.94
CA GLU A 17 9.95 3.41 9.21
C GLU A 17 8.72 2.81 8.54
N CYS A 18 7.64 3.56 8.53
CA CYS A 18 6.43 3.16 7.87
C CYS A 18 6.19 4.02 6.63
N GLU A 19 5.99 3.37 5.49
CA GLU A 19 5.80 4.08 4.24
C GLU A 19 4.46 3.69 3.63
N ILE A 20 4.00 4.50 2.68
CA ILE A 20 2.70 4.28 2.06
C ILE A 20 2.85 3.86 0.60
N GLY A 21 2.29 2.70 0.28
CA GLY A 21 2.25 2.24 -1.09
C GLY A 21 0.85 2.30 -1.62
N SER A 22 0.49 1.40 -2.51
CA SER A 22 -0.85 1.36 -3.06
C SER A 22 -1.22 -0.05 -3.50
N ARG A 23 -2.40 -0.49 -3.09
CA ARG A 23 -2.91 -1.79 -3.48
C ARG A 23 -4.11 -1.60 -4.38
N CYS A 24 -4.04 -2.14 -5.58
CA CYS A 24 -5.11 -1.96 -6.55
C CYS A 24 -5.45 -3.28 -7.23
N PRO A 25 -6.71 -3.74 -7.10
CA PRO A 25 -7.17 -4.94 -7.78
C PRO A 25 -7.24 -4.73 -9.29
N PRO A 26 -6.74 -5.70 -10.08
CA PRO A 26 -6.73 -5.61 -11.54
C PRO A 26 -8.12 -5.43 -12.13
N CYS A 27 -8.28 -4.43 -12.99
CA CYS A 27 -9.54 -4.18 -13.66
C CYS A 27 -9.52 -4.81 -15.03
N SER A 1 -16.91 -5.84 -9.44
CA SER A 1 -16.36 -6.30 -8.15
C SER A 1 -14.84 -6.08 -8.11
N CYS A 2 -14.41 -4.90 -8.53
CA CYS A 2 -13.00 -4.56 -8.53
C CYS A 2 -12.61 -3.88 -7.23
N PRO A 3 -11.63 -4.43 -6.50
CA PRO A 3 -11.14 -3.82 -5.26
C PRO A 3 -10.58 -2.42 -5.52
N PRO A 4 -10.95 -1.45 -4.67
CA PRO A 4 -10.58 -0.03 -4.85
C PRO A 4 -9.08 0.22 -4.77
N CYS A 5 -8.57 0.97 -5.72
CA CYS A 5 -7.17 1.36 -5.73
C CYS A 5 -6.95 2.52 -4.77
N MET A 6 -5.96 2.39 -3.90
CA MET A 6 -5.78 3.35 -2.81
C MET A 6 -4.34 3.32 -2.31
N GLU A 7 -3.97 4.35 -1.55
CA GLU A 7 -2.65 4.41 -0.94
C GLU A 7 -2.64 3.61 0.36
N VAL A 8 -1.74 2.66 0.45
CA VAL A 8 -1.62 1.83 1.63
C VAL A 8 -0.30 2.09 2.33
N SER A 9 -0.23 1.73 3.59
CA SER A 9 0.99 1.90 4.35
C SER A 9 1.65 0.55 4.60
N SER A 10 2.93 0.46 4.27
CA SER A 10 3.69 -0.74 4.50
C SER A 10 4.83 -0.44 5.48
N CYS A 11 4.98 -1.30 6.47
CA CYS A 11 6.00 -1.09 7.47
C CYS A 11 7.08 -2.15 7.38
N ASP A 12 8.32 -1.74 7.56
CA ASP A 12 9.44 -2.66 7.55
C ASP A 12 9.93 -2.88 8.98
N GLU A 13 10.41 -4.08 9.25
CA GLU A 13 10.77 -4.49 10.60
C GLU A 13 12.20 -4.08 10.96
N GLU A 14 12.96 -3.61 9.97
CA GLU A 14 14.36 -3.25 10.17
C GLU A 14 14.51 -2.21 11.27
N THR A 15 13.82 -1.08 11.12
CA THR A 15 13.88 -0.02 12.11
C THR A 15 12.47 0.44 12.51
N GLY A 16 11.48 -0.02 11.76
CA GLY A 16 10.10 0.29 12.10
C GLY A 16 9.54 1.48 11.34
N GLU A 17 10.10 1.76 10.17
CA GLU A 17 9.60 2.84 9.35
C GLU A 17 8.54 2.32 8.39
N CYS A 18 7.61 3.19 8.05
CA CYS A 18 6.50 2.81 7.18
C CYS A 18 6.42 3.74 5.98
N GLU A 19 5.99 3.21 4.86
CA GLU A 19 5.84 3.99 3.64
C GLU A 19 4.38 3.97 3.18
N ILE A 20 3.95 5.05 2.55
CA ILE A 20 2.62 5.11 1.97
C ILE A 20 2.72 4.96 0.46
N GLY A 21 2.21 3.84 -0.04
CA GLY A 21 2.37 3.53 -1.44
C GLY A 21 1.06 3.20 -2.09
N SER A 22 0.82 3.84 -3.22
CA SER A 22 -0.37 3.60 -4.00
C SER A 22 -0.40 2.17 -4.52
N ARG A 23 -1.47 1.49 -4.19
CA ARG A 23 -1.64 0.10 -4.60
C ARG A 23 -2.98 -0.05 -5.30
N CYS A 24 -2.93 -0.40 -6.57
CA CYS A 24 -4.15 -0.48 -7.37
C CYS A 24 -4.39 -1.93 -7.81
N PRO A 25 -5.39 -2.57 -7.20
CA PRO A 25 -5.82 -3.92 -7.58
C PRO A 25 -6.40 -3.93 -9.00
N PRO A 26 -6.08 -4.97 -9.79
CA PRO A 26 -6.60 -5.12 -11.14
C PRO A 26 -8.13 -5.18 -11.16
N CYS A 27 -8.70 -4.64 -12.21
CA CYS A 27 -10.15 -4.61 -12.35
C CYS A 27 -10.57 -5.47 -13.54
N SER A 1 -18.03 -3.43 -11.25
CA SER A 1 -17.47 -2.55 -10.21
C SER A 1 -15.98 -2.85 -10.02
N CYS A 2 -15.15 -2.00 -10.62
CA CYS A 2 -13.70 -2.16 -10.51
C CYS A 2 -13.18 -1.40 -9.30
N PRO A 3 -12.42 -2.09 -8.43
CA PRO A 3 -11.86 -1.48 -7.22
C PRO A 3 -10.85 -0.37 -7.53
N PRO A 4 -10.94 0.74 -6.79
CA PRO A 4 -10.07 1.91 -7.00
C PRO A 4 -8.67 1.72 -6.44
N CYS A 5 -7.78 2.62 -6.81
CA CYS A 5 -6.42 2.63 -6.28
C CYS A 5 -6.41 3.16 -4.87
N MET A 6 -6.01 2.32 -3.93
CA MET A 6 -6.02 2.67 -2.53
C MET A 6 -4.61 2.62 -1.97
N GLU A 7 -4.35 3.44 -0.95
CA GLU A 7 -3.05 3.46 -0.31
C GLU A 7 -2.91 2.29 0.64
N VAL A 8 -1.76 1.63 0.60
CA VAL A 8 -1.51 0.48 1.43
C VAL A 8 -0.43 0.76 2.46
N SER A 9 -0.42 -0.02 3.52
CA SER A 9 0.50 0.19 4.63
C SER A 9 1.68 -0.77 4.55
N SER A 10 2.87 -0.21 4.67
CA SER A 10 4.09 -1.00 4.70
C SER A 10 5.05 -0.40 5.73
N CYS A 11 5.90 -1.22 6.32
CA CYS A 11 6.84 -0.71 7.30
C CYS A 11 8.01 -1.67 7.47
N ASP A 12 9.21 -1.11 7.42
CA ASP A 12 10.42 -1.88 7.65
C ASP A 12 10.74 -1.88 9.13
N GLU A 13 10.28 -2.93 9.80
CA GLU A 13 10.40 -3.04 11.26
C GLU A 13 11.85 -3.03 11.73
N GLU A 14 12.78 -3.26 10.82
CA GLU A 14 14.19 -3.29 11.16
C GLU A 14 14.67 -1.91 11.59
N THR A 15 14.18 -0.89 10.92
CA THR A 15 14.54 0.48 11.25
C THR A 15 13.35 1.23 11.86
N GLY A 16 12.16 0.69 11.66
CA GLY A 16 10.97 1.26 12.25
C GLY A 16 10.34 2.33 11.37
N GLU A 17 10.83 2.46 10.15
CA GLU A 17 10.30 3.44 9.22
C GLU A 17 9.17 2.84 8.40
N CYS A 18 8.01 3.48 8.47
CA CYS A 18 6.82 2.97 7.80
C CYS A 18 6.48 3.83 6.59
N GLU A 19 6.08 3.19 5.50
CA GLU A 19 5.78 3.87 4.26
C GLU A 19 4.36 3.56 3.81
N ILE A 20 3.76 4.48 3.07
CA ILE A 20 2.45 4.27 2.50
C ILE A 20 2.53 4.30 0.97
N GLY A 21 2.10 3.23 0.34
CA GLY A 21 2.16 3.13 -1.10
C GLY A 21 0.80 3.16 -1.73
N SER A 22 0.65 2.48 -2.87
CA SER A 22 -0.60 2.48 -3.60
C SER A 22 -0.83 1.12 -4.26
N ARG A 23 -2.06 0.66 -4.23
CA ARG A 23 -2.42 -0.62 -4.83
C ARG A 23 -3.70 -0.49 -5.63
N CYS A 24 -3.63 -0.80 -6.91
CA CYS A 24 -4.81 -0.84 -7.76
C CYS A 24 -5.15 -2.29 -8.07
N PRO A 25 -6.20 -2.84 -7.44
CA PRO A 25 -6.60 -4.22 -7.64
C PRO A 25 -7.23 -4.44 -9.02
N PRO A 26 -6.75 -5.46 -9.75
CA PRO A 26 -7.22 -5.76 -11.10
C PRO A 26 -8.71 -6.16 -11.13
N CYS A 27 -9.38 -5.79 -12.21
CA CYS A 27 -10.76 -6.17 -12.41
C CYS A 27 -10.92 -6.86 -13.76
#